data_7LXS
#
_entry.id   7LXS
#
_cell.length_a   24.747
_cell.length_b   50.761
_cell.length_c   68.527
_cell.angle_alpha   90.000
_cell.angle_beta   88.360
_cell.angle_gamma   90.110
#
_symmetry.space_group_name_H-M   'P 1'
#
_entity_poly.entity_id   1
_entity_poly.type   'polypeptide(L)'
_entity_poly.pdbx_seq_one_letter_code
;MNVNKKKLAEIFGCDVRTVTAWQSQGLPLVSGGGKGNEAVFDTAAAISWYAERDA
;
_entity_poly.pdbx_strand_id   A,B,C,D,E,F,G,H
#
# COMPACT_ATOMS: atom_id res chain seq x y z
N MET A 1 12.96 -0.03 21.61
CA MET A 1 12.54 -0.37 22.99
C MET A 1 11.01 -0.33 23.07
N ASN A 2 10.41 -1.28 23.80
CA ASN A 2 8.93 -1.34 23.96
C ASN A 2 8.46 -0.12 24.76
N VAL A 3 7.70 0.77 24.11
CA VAL A 3 7.18 1.99 24.78
C VAL A 3 5.68 2.12 24.62
N ASN A 4 5.07 2.81 25.56
CA ASN A 4 3.64 3.16 25.44
C ASN A 4 3.49 4.39 24.54
N LYS A 5 2.27 4.77 24.25
CA LYS A 5 1.96 5.81 23.24
C LYS A 5 2.49 7.19 23.67
N LYS A 6 2.27 7.60 24.90
CA LYS A 6 2.76 8.88 25.43
C LYS A 6 4.30 8.92 25.36
N LYS A 7 4.95 7.79 25.59
CA LYS A 7 6.42 7.71 25.56
C LYS A 7 6.90 7.77 24.10
N LEU A 8 6.15 7.14 23.20
CA LEU A 8 6.43 7.26 21.75
C LEU A 8 6.31 8.72 21.36
N ALA A 9 5.21 9.35 21.76
CA ALA A 9 4.97 10.76 21.47
C ALA A 9 6.18 11.59 21.92
N GLU A 10 6.53 11.48 23.18
CA GLU A 10 7.68 12.20 23.75
C GLU A 10 8.93 11.95 22.91
N ILE A 11 9.17 10.71 22.49
CA ILE A 11 10.42 10.32 21.80
C ILE A 11 10.46 11.02 20.45
N PHE A 12 9.37 10.93 19.70
CA PHE A 12 9.22 11.58 18.37
C PHE A 12 9.11 13.10 18.48
N GLY A 13 8.73 13.62 19.62
CA GLY A 13 8.43 15.05 19.79
C GLY A 13 7.10 15.45 19.16
N CYS A 14 6.10 14.59 19.20
CA CYS A 14 4.73 14.91 18.78
C CYS A 14 3.73 14.76 19.95
N ASP A 15 2.59 15.39 19.82
CA ASP A 15 1.41 15.11 20.67
C ASP A 15 1.03 13.63 20.56
N VAL A 16 0.50 13.07 21.65
CA VAL A 16 0.04 11.66 21.71
C VAL A 16 -0.94 11.37 20.56
N ARG A 17 -1.79 12.34 20.23
CA ARG A 17 -2.92 12.14 19.31
C ARG A 17 -2.36 11.97 17.89
N THR A 18 -1.23 12.57 17.63
CA THR A 18 -0.50 12.45 16.37
C THR A 18 -0.09 10.98 16.14
N VAL A 19 0.33 10.28 17.18
CA VAL A 19 0.65 8.84 17.12
C VAL A 19 -0.62 8.04 16.72
N THR A 20 -1.74 8.34 17.34
CA THR A 20 -3.02 7.68 17.06
C THR A 20 -3.39 7.99 15.61
N ALA A 21 -3.14 9.20 15.15
CA ALA A 21 -3.35 9.56 13.73
C ALA A 21 -2.34 8.79 12.87
N TRP A 22 -1.15 8.57 13.38
CA TRP A 22 -0.11 7.78 12.65
C TRP A 22 -0.55 6.31 12.56
N GLN A 23 -1.21 5.81 13.57
CA GLN A 23 -1.80 4.47 13.57
C GLN A 23 -2.80 4.40 12.41
N SER A 24 -3.55 5.46 12.18
CA SER A 24 -4.50 5.51 11.05
C SER A 24 -3.76 5.36 9.71
N GLN A 25 -2.50 5.73 9.69
CA GLN A 25 -1.67 5.83 8.46
C GLN A 25 -0.78 4.59 8.27
N GLY A 26 -0.85 3.64 9.17
CA GLY A 26 -0.12 2.36 9.07
C GLY A 26 0.95 2.18 10.13
N LEU A 27 1.08 3.11 11.07
CA LEU A 27 2.06 2.94 12.14
C LEU A 27 1.72 1.66 12.88
N PRO A 28 2.67 0.70 12.89
CA PRO A 28 2.51 -0.54 13.63
C PRO A 28 2.60 -0.33 15.14
N LEU A 29 1.75 -1.05 15.86
CA LEU A 29 1.84 -1.20 17.32
C LEU A 29 2.30 -2.65 17.54
N VAL A 30 2.85 -2.94 18.69
CA VAL A 30 3.22 -4.33 19.05
C VAL A 30 2.05 -5.02 19.77
N SER A 31 1.26 -4.25 20.53
CA SER A 31 0.05 -4.72 21.25
C SER A 31 -0.90 -3.53 21.43
N GLY A 32 -2.18 -3.69 21.07
CA GLY A 32 -3.08 -2.58 20.67
C GLY A 32 -4.05 -2.04 21.72
N GLY A 33 -5.05 -1.30 21.24
CA GLY A 33 -6.17 -0.82 22.06
C GLY A 33 -6.41 0.67 21.95
N GLY A 34 -5.46 1.48 22.46
CA GLY A 34 -5.59 2.95 22.40
C GLY A 34 -4.57 3.72 23.24
N LYS A 35 -5.00 4.83 23.83
CA LYS A 35 -4.12 5.95 24.25
C LYS A 35 -3.53 5.64 25.62
N GLY A 36 -2.61 6.49 26.06
CA GLY A 36 -1.80 6.29 27.27
C GLY A 36 -1.00 4.99 27.30
N ASN A 37 -0.69 4.53 28.52
CA ASN A 37 -0.11 3.20 28.88
C ASN A 37 -1.10 2.08 28.58
N GLU A 38 -1.62 2.04 27.35
CA GLU A 38 -2.33 0.85 26.83
C GLU A 38 -1.59 0.32 25.60
N ALA A 39 -1.76 0.97 24.45
CA ALA A 39 -1.09 0.58 23.18
C ALA A 39 0.41 0.68 23.40
N VAL A 40 1.11 -0.39 23.08
CA VAL A 40 2.57 -0.52 23.14
C VAL A 40 3.12 -0.57 21.71
N PHE A 41 4.13 0.25 21.47
CA PHE A 41 4.86 0.37 20.19
C PHE A 41 6.33 -0.06 20.43
N ASP A 42 7.03 -0.51 19.40
CA ASP A 42 8.53 -0.59 19.50
C ASP A 42 9.08 0.59 18.71
N THR A 43 9.88 1.37 19.38
CA THR A 43 10.59 2.58 18.90
C THR A 43 11.29 2.33 17.57
N ALA A 44 12.01 1.23 17.42
CA ALA A 44 12.74 0.93 16.18
C ALA A 44 11.79 0.71 15.00
N ALA A 45 10.68 0.04 15.20
CA ALA A 45 9.66 -0.15 14.17
C ALA A 45 8.99 1.17 13.85
N ALA A 46 8.67 1.97 14.85
CA ALA A 46 8.05 3.27 14.60
C ALA A 46 9.01 4.15 13.81
N ILE A 47 10.27 4.19 14.19
CA ILE A 47 11.28 5.01 13.50
C ILE A 47 11.44 4.54 12.06
N SER A 48 11.51 3.25 11.83
CA SER A 48 11.63 2.71 10.46
C SER A 48 10.43 3.16 9.60
N TRP A 49 9.23 3.03 10.16
CA TRP A 49 7.98 3.45 9.50
C TRP A 49 7.99 4.97 9.24
N TYR A 50 8.30 5.75 10.25
CA TYR A 50 8.38 7.19 10.14
C TYR A 50 9.35 7.56 8.99
N ALA A 51 10.56 7.01 9.02
CA ALA A 51 11.63 7.35 8.07
C ALA A 51 11.24 7.00 6.63
N GLU A 52 10.44 5.95 6.47
CA GLU A 52 10.04 5.45 5.12
C GLU A 52 8.84 6.21 4.56
N ARG A 53 8.23 7.10 5.36
CA ARG A 53 7.07 7.88 4.91
C ARG A 53 7.42 8.82 3.76
N ASP A 54 8.25 9.83 3.99
CA ASP A 54 8.38 10.93 3.00
C ASP A 54 9.67 11.75 3.23
N ALA A 55 10.72 11.45 2.46
CA ALA A 55 12.01 12.15 2.55
C ALA A 55 12.80 11.99 1.25
N MET B 1 21.27 -4.74 -4.68
CA MET B 1 20.87 -5.13 -3.31
C MET B 1 19.34 -5.10 -3.20
N ASN B 2 18.78 -5.83 -2.23
CA ASN B 2 17.31 -5.88 -2.02
C ASN B 2 16.85 -4.61 -1.30
N VAL B 3 16.04 -3.79 -1.97
CA VAL B 3 15.54 -2.53 -1.37
C VAL B 3 14.03 -2.41 -1.52
N ASN B 4 13.42 -1.70 -0.60
CA ASN B 4 12.00 -1.38 -0.73
C ASN B 4 11.86 -0.18 -1.65
N LYS B 5 10.63 0.20 -1.92
CA LYS B 5 10.33 1.22 -2.96
C LYS B 5 10.87 2.61 -2.54
N LYS B 6 10.64 3.06 -1.33
CA LYS B 6 11.15 4.35 -0.86
C LYS B 6 12.67 4.39 -0.98
N LYS B 7 13.33 3.27 -0.71
CA LYS B 7 14.81 3.18 -0.74
C LYS B 7 15.25 3.20 -2.21
N LEU B 8 14.45 2.61 -3.09
CA LEU B 8 14.73 2.65 -4.54
C LEU B 8 14.63 4.09 -4.99
N ALA B 9 13.56 4.77 -4.59
CA ALA B 9 13.30 6.17 -4.95
C ALA B 9 14.48 7.02 -4.50
N GLU B 10 14.89 6.87 -3.24
CA GLU B 10 16.03 7.64 -2.67
C GLU B 10 17.32 7.34 -3.43
N ILE B 11 17.51 6.10 -3.91
CA ILE B 11 18.76 5.71 -4.63
C ILE B 11 18.79 6.40 -5.99
N PHE B 12 17.68 6.31 -6.73
CA PHE B 12 17.49 6.92 -8.05
C PHE B 12 17.38 8.43 -7.99
N GLY B 13 17.00 8.97 -6.86
CA GLY B 13 16.69 10.39 -6.68
C GLY B 13 15.36 10.79 -7.28
N CYS B 14 14.37 9.91 -7.24
CA CYS B 14 13.00 10.21 -7.65
C CYS B 14 12.03 10.10 -6.48
N ASP B 15 10.87 10.72 -6.61
CA ASP B 15 9.71 10.47 -5.73
C ASP B 15 9.36 8.99 -5.82
N VAL B 16 8.81 8.47 -4.74
CA VAL B 16 8.36 7.04 -4.64
C VAL B 16 7.36 6.74 -5.75
N ARG B 17 6.47 7.67 -6.05
CA ARG B 17 5.36 7.44 -6.98
C ARG B 17 5.90 7.24 -8.40
N THR B 18 7.03 7.84 -8.69
CA THR B 18 7.74 7.69 -9.96
C THR B 18 8.16 6.23 -10.17
N VAL B 19 8.58 5.55 -9.10
CA VAL B 19 8.93 4.12 -9.12
C VAL B 19 7.67 3.29 -9.48
N THR B 20 6.54 3.58 -8.86
CA THR B 20 5.27 2.92 -9.15
C THR B 20 4.89 3.21 -10.61
N ALA B 21 5.10 4.42 -11.09
CA ALA B 21 4.86 4.70 -12.52
C ALA B 21 5.86 3.90 -13.35
N TRP B 22 7.08 3.74 -12.87
CA TRP B 22 8.11 2.95 -13.58
C TRP B 22 7.69 1.48 -13.63
N GLN B 23 6.99 1.02 -12.60
CA GLN B 23 6.45 -0.35 -12.56
C GLN B 23 5.43 -0.52 -13.70
N SER B 24 4.62 0.49 -13.94
CA SER B 24 3.67 0.53 -15.08
C SER B 24 4.43 0.38 -16.41
N GLN B 25 5.71 0.75 -16.44
CA GLN B 25 6.51 0.88 -17.67
C GLN B 25 7.39 -0.36 -17.86
N GLY B 26 7.32 -1.31 -16.95
CA GLY B 26 8.10 -2.55 -17.04
C GLY B 26 9.20 -2.69 -16.01
N LEU B 27 9.31 -1.77 -15.08
CA LEU B 27 10.28 -1.92 -14.00
C LEU B 27 9.93 -3.17 -13.20
N PRO B 28 10.88 -4.13 -13.19
CA PRO B 28 10.73 -5.34 -12.40
C PRO B 28 10.84 -5.08 -10.90
N LEU B 29 9.97 -5.75 -10.16
CA LEU B 29 10.13 -5.93 -8.71
C LEU B 29 10.59 -7.35 -8.45
N VAL B 30 11.16 -7.62 -7.31
CA VAL B 30 11.54 -8.98 -6.90
C VAL B 30 10.38 -9.65 -6.13
N SER B 31 9.63 -8.88 -5.38
CA SER B 31 8.41 -9.35 -4.65
C SER B 31 7.44 -8.16 -4.52
N GLY B 32 6.16 -8.35 -4.84
CA GLY B 32 5.23 -7.28 -5.25
C GLY B 32 4.30 -6.71 -4.18
N GLY B 33 3.30 -5.97 -4.67
CA GLY B 33 2.14 -5.47 -3.90
C GLY B 33 1.95 -3.95 -4.02
N GLY B 34 2.89 -3.14 -3.55
CA GLY B 34 2.73 -1.66 -3.59
C GLY B 34 3.75 -0.87 -2.80
N LYS B 35 3.33 0.25 -2.23
CA LYS B 35 4.25 1.37 -1.86
C LYS B 35 4.90 1.06 -0.50
N GLY B 36 5.79 1.93 -0.08
CA GLY B 36 6.56 1.79 1.16
C GLY B 36 7.41 0.52 1.20
N ASN B 37 7.67 0.06 2.43
CA ASN B 37 8.26 -1.25 2.79
C ASN B 37 7.28 -2.39 2.52
N GLU B 38 6.79 -2.46 1.29
CA GLU B 38 6.05 -3.63 0.76
C GLU B 38 6.80 -4.17 -0.47
N ALA B 39 6.59 -3.60 -1.63
CA ALA B 39 7.27 -4.04 -2.86
C ALA B 39 8.77 -3.92 -2.68
N VAL B 40 9.47 -5.01 -2.99
CA VAL B 40 10.94 -5.13 -2.94
C VAL B 40 11.48 -5.20 -4.36
N PHE B 41 12.47 -4.38 -4.63
CA PHE B 41 13.18 -4.29 -5.92
C PHE B 41 14.65 -4.68 -5.69
N ASP B 42 15.36 -5.13 -6.73
CA ASP B 42 16.85 -5.24 -6.65
C ASP B 42 17.41 -4.09 -7.46
N THR B 43 18.22 -3.27 -6.79
CA THR B 43 18.89 -2.08 -7.32
C THR B 43 19.56 -2.35 -8.67
N ALA B 44 20.29 -3.45 -8.80
CA ALA B 44 21.03 -3.76 -10.02
C ALA B 44 20.07 -4.02 -11.18
N ALA B 45 18.96 -4.70 -10.94
CA ALA B 45 17.92 -4.91 -11.95
C ALA B 45 17.23 -3.61 -12.31
N ALA B 46 16.91 -2.78 -11.34
CA ALA B 46 16.30 -1.48 -11.62
C ALA B 46 17.27 -0.61 -12.43
N ILE B 47 18.52 -0.59 -12.07
CA ILE B 47 19.52 0.26 -12.78
C ILE B 47 19.64 -0.27 -14.21
N SER B 48 19.77 -1.58 -14.40
CA SER B 48 19.86 -2.13 -15.77
C SER B 48 18.66 -1.68 -16.60
N TRP B 49 17.48 -1.84 -16.05
CA TRP B 49 16.21 -1.45 -16.72
C TRP B 49 16.20 0.05 -17.03
N TYR B 50 16.47 0.85 -16.02
CA TYR B 50 16.58 2.31 -16.18
C TYR B 50 17.52 2.65 -17.34
N ALA B 51 18.75 2.12 -17.30
CA ALA B 51 19.76 2.36 -18.35
C ALA B 51 19.34 1.68 -19.65
N GLU B 52 18.29 0.85 -19.59
CA GLU B 52 17.78 0.14 -20.79
C GLU B 52 16.55 0.86 -21.33
N ARG B 53 16.38 2.13 -20.96
CA ARG B 53 15.22 2.94 -21.42
C ARG B 53 15.66 3.85 -22.58
N ASP B 54 16.34 4.95 -22.25
CA ASP B 54 16.81 5.91 -23.29
C ASP B 54 18.16 6.49 -22.88
N ALA B 55 19.25 5.95 -23.44
CA ALA B 55 20.62 6.42 -23.11
C ALA B 55 21.31 6.91 -24.39
N MET C 1 13.09 13.41 23.30
CA MET C 1 13.38 13.48 24.75
C MET C 1 14.89 13.34 24.98
N ASN C 2 15.39 13.91 26.08
CA ASN C 2 16.81 13.86 26.41
C ASN C 2 17.17 12.41 26.76
N VAL C 3 18.07 11.84 26.00
CA VAL C 3 18.59 10.47 26.23
C VAL C 3 20.10 10.39 26.07
N ASN C 4 20.70 9.43 26.74
CA ASN C 4 22.13 9.17 26.54
C ASN C 4 22.28 8.29 25.31
N LYS C 5 23.52 7.99 24.94
CA LYS C 5 23.82 7.33 23.65
C LYS C 5 23.28 5.88 23.63
N LYS C 6 23.51 5.09 24.68
CA LYS C 6 22.98 3.71 24.77
C LYS C 6 21.46 3.72 24.62
N LYS C 7 20.80 4.73 25.19
CA LYS C 7 19.32 4.80 25.17
C LYS C 7 18.89 5.20 23.77
N LEU C 8 19.70 6.03 23.10
CA LEU C 8 19.42 6.42 21.71
C LEU C 8 19.53 5.16 20.86
N ALA C 9 20.60 4.40 21.03
CA ALA C 9 20.86 3.16 20.28
C ALA C 9 19.69 2.21 20.46
N GLU C 10 19.31 1.94 21.70
CA GLU C 10 18.14 1.12 22.01
C GLU C 10 16.91 1.64 21.26
N ILE C 11 16.66 2.93 21.29
CA ILE C 11 15.41 3.51 20.70
C ILE C 11 15.38 3.25 19.19
N PHE C 12 16.50 3.55 18.52
CA PHE C 12 16.69 3.36 17.07
C PHE C 12 16.80 1.89 16.70
N GLY C 13 17.17 1.05 17.63
CA GLY C 13 17.49 -0.35 17.40
C GLY C 13 18.82 -0.58 16.70
N CYS C 14 19.82 0.25 16.99
CA CYS C 14 21.19 0.07 16.52
C CYS C 14 22.15 -0.15 17.70
N ASP C 15 23.31 -0.71 17.40
CA ASP C 15 24.47 -0.72 18.32
C ASP C 15 24.82 0.72 18.66
N VAL C 16 25.37 0.91 19.86
CA VAL C 16 25.81 2.24 20.38
C VAL C 16 26.82 2.86 19.39
N ARG C 17 27.70 2.05 18.85
CA ARG C 17 28.82 2.53 18.03
C ARG C 17 28.29 3.15 16.75
N THR C 18 27.15 2.66 16.29
CA THR C 18 26.46 3.15 15.11
C THR C 18 26.04 4.62 15.33
N VAL C 19 25.60 4.96 16.54
CA VAL C 19 25.25 6.34 16.92
C VAL C 19 26.52 7.23 16.82
N THR C 20 27.65 6.76 17.35
CA THR C 20 28.92 7.49 17.27
C THR C 20 29.30 7.64 15.80
N ALA C 21 29.11 6.63 14.97
CA ALA C 21 29.35 6.76 13.53
C ALA C 21 28.35 7.77 12.94
N TRP C 22 27.13 7.79 13.44
CA TRP C 22 26.10 8.74 13.01
C TRP C 22 26.54 10.17 13.39
N GLN C 23 27.21 10.31 14.53
CA GLN C 23 27.77 11.60 14.96
C GLN C 23 28.79 12.10 13.93
N SER C 24 29.60 11.19 13.40
CA SER C 24 30.55 11.48 12.29
C SER C 24 29.80 12.03 11.08
N GLN C 25 28.52 11.69 10.93
CA GLN C 25 27.74 11.92 9.69
C GLN C 25 26.85 13.15 9.85
N GLY C 26 26.89 13.81 11.00
CA GLY C 26 26.12 15.02 11.28
C GLY C 26 25.02 14.86 12.31
N LEU C 27 24.91 13.70 12.93
CA LEU C 27 23.93 13.53 14.00
C LEU C 27 24.27 14.49 15.11
N PRO C 28 23.33 15.41 15.40
CA PRO C 28 23.48 16.35 16.51
C PRO C 28 23.35 15.67 17.87
N LEU C 29 24.20 16.10 18.78
CA LEU C 29 24.05 15.84 20.22
C LEU C 29 23.59 17.14 20.88
N VAL C 30 23.02 17.04 22.05
CA VAL C 30 22.63 18.23 22.83
C VAL C 30 23.79 18.64 23.77
N SER C 31 24.56 17.69 24.26
CA SER C 31 25.75 17.94 25.10
C SER C 31 26.72 16.76 24.89
N GLY C 32 27.99 17.03 24.62
CA GLY C 32 28.93 16.11 23.95
C GLY C 32 29.85 15.27 24.83
N GLY C 33 30.85 14.69 24.16
CA GLY C 33 32.01 13.99 24.73
C GLY C 33 32.19 12.58 24.17
N GLY C 34 31.23 11.67 24.37
CA GLY C 34 31.43 10.26 23.94
C GLY C 34 30.39 9.28 24.44
N LYS C 35 30.80 8.04 24.65
CA LYS C 35 29.89 6.87 24.68
C LYS C 35 29.25 6.75 26.06
N GLY C 36 28.35 5.79 26.21
CA GLY C 36 27.57 5.58 27.44
C GLY C 36 26.72 6.78 27.85
N ASN C 37 26.47 6.87 29.16
CA ASN C 37 25.85 8.01 29.87
C ASN C 37 26.82 9.18 29.96
N GLU C 38 27.32 9.62 28.80
CA GLU C 38 28.06 10.90 28.67
C GLU C 38 27.32 11.77 27.65
N ALA C 39 27.55 11.56 26.37
CA ALA C 39 26.88 12.32 25.30
C ALA C 39 25.37 12.15 25.43
N VAL C 40 24.67 13.28 25.42
CA VAL C 40 23.21 13.39 25.51
C VAL C 40 22.68 13.88 24.17
N PHE C 41 21.69 13.18 23.67
CA PHE C 41 20.99 13.46 22.40
C PHE C 41 19.51 13.77 22.72
N ASP C 42 18.80 14.50 21.85
CA ASP C 42 17.32 14.58 21.95
C ASP C 42 16.75 13.72 20.83
N THR C 43 15.93 12.77 21.24
CA THR C 43 15.28 11.76 20.38
C THR C 43 14.62 12.40 19.17
N ALA C 44 13.89 13.49 19.35
CA ALA C 44 13.16 14.15 18.27
C ALA C 44 14.13 14.71 17.23
N ALA C 45 15.23 15.32 17.68
CA ALA C 45 16.28 15.81 16.79
C ALA C 45 16.98 14.66 16.07
N ALA C 46 17.26 13.57 16.75
CA ALA C 46 17.89 12.43 16.09
C ALA C 46 16.94 11.83 15.06
N ILE C 47 15.68 11.70 15.38
CA ILE C 47 14.68 11.10 14.45
C ILE C 47 14.57 12.03 13.25
N SER C 48 14.46 13.33 13.45
CA SER C 48 14.36 14.26 12.30
C SER C 48 15.58 14.08 11.38
N TRP C 49 16.76 14.04 11.97
CA TRP C 49 18.04 13.86 11.23
C TRP C 49 18.04 12.53 10.50
N TYR C 50 17.75 11.47 11.22
CA TYR C 50 17.67 10.12 10.65
C TYR C 50 16.72 10.14 9.42
N ALA C 51 15.50 10.63 9.58
CA ALA C 51 14.46 10.62 8.56
C ALA C 51 14.87 11.44 7.34
N GLU C 52 15.69 12.46 7.52
CA GLU C 52 16.11 13.37 6.42
C GLU C 52 17.33 12.84 5.70
N ARG C 53 17.88 11.71 6.17
CA ARG C 53 19.08 11.09 5.54
C ARG C 53 18.65 9.92 4.65
N ASP C 54 17.77 9.01 5.10
CA ASP C 54 17.24 7.89 4.28
C ASP C 54 15.71 7.90 4.44
N ALA C 55 15.03 8.80 3.72
CA ALA C 55 13.55 8.88 3.70
C ALA C 55 13.09 9.47 2.36
N MET D 1 6.53 28.52 -0.26
CA MET D 1 6.84 28.57 1.19
C MET D 1 8.35 28.42 1.39
N ASN D 2 8.90 29.01 2.46
CA ASN D 2 10.32 28.94 2.74
C ASN D 2 10.68 27.50 3.11
N VAL D 3 11.58 26.93 2.35
CA VAL D 3 12.09 25.57 2.62
C VAL D 3 13.60 25.49 2.44
N ASN D 4 14.19 24.56 3.16
CA ASN D 4 15.62 24.26 2.95
C ASN D 4 15.79 23.34 1.74
N LYS D 5 17.01 23.05 1.36
CA LYS D 5 17.32 22.34 0.08
C LYS D 5 16.80 20.90 0.10
N LYS D 6 17.01 20.15 1.17
CA LYS D 6 16.50 18.77 1.30
C LYS D 6 14.97 18.76 1.20
N LYS D 7 14.33 19.79 1.72
CA LYS D 7 12.85 19.88 1.71
C LYS D 7 12.38 20.23 0.31
N LEU D 8 13.14 21.09 -0.37
CA LEU D 8 12.87 21.39 -1.78
C LEU D 8 12.99 20.10 -2.57
N ALA D 9 14.10 19.39 -2.38
CA ALA D 9 14.32 18.12 -3.07
C ALA D 9 13.12 17.20 -2.89
N GLU D 10 12.75 16.95 -1.64
CA GLU D 10 11.62 16.09 -1.30
C GLU D 10 10.36 16.56 -2.05
N ILE D 11 10.11 17.87 -2.08
CA ILE D 11 8.87 18.46 -2.65
C ILE D 11 8.84 18.18 -4.16
N PHE D 12 9.94 18.47 -4.84
CA PHE D 12 10.11 18.23 -6.29
C PHE D 12 10.22 16.76 -6.63
N GLY D 13 10.59 15.92 -5.69
CA GLY D 13 10.89 14.50 -5.93
C GLY D 13 12.23 14.30 -6.64
N CYS D 14 13.22 15.10 -6.37
CA CYS D 14 14.60 14.92 -6.86
C CYS D 14 15.59 14.73 -5.69
N ASP D 15 16.74 14.17 -5.98
CA ASP D 15 17.91 14.19 -5.07
C ASP D 15 18.28 15.64 -4.74
N VAL D 16 18.81 15.86 -3.54
CA VAL D 16 19.27 17.19 -3.07
C VAL D 16 20.24 17.80 -4.08
N ARG D 17 21.10 16.98 -4.67
CA ARG D 17 22.24 17.44 -5.48
C ARG D 17 21.70 17.99 -6.80
N THR D 18 20.56 17.50 -7.22
CA THR D 18 19.84 17.98 -8.40
C THR D 18 19.42 19.45 -8.19
N VAL D 19 18.99 19.82 -7.00
CA VAL D 19 18.67 21.23 -6.65
C VAL D 19 19.93 22.09 -6.80
N THR D 20 21.06 21.62 -6.28
CA THR D 20 22.34 22.35 -6.35
C THR D 20 22.70 22.47 -7.84
N ALA D 21 22.46 21.45 -8.63
CA ALA D 21 22.68 21.52 -10.09
C ALA D 21 21.68 22.50 -10.71
N TRP D 22 20.47 22.56 -10.16
CA TRP D 22 19.45 23.52 -10.60
C TRP D 22 19.89 24.97 -10.27
N GLN D 23 20.53 25.15 -9.14
CA GLN D 23 21.13 26.43 -8.77
C GLN D 23 22.14 26.83 -9.86
N SER D 24 22.92 25.88 -10.36
CA SER D 24 23.87 26.15 -11.47
C SER D 24 23.12 26.69 -12.70
N GLN D 25 21.85 26.36 -12.82
CA GLN D 25 21.03 26.62 -14.05
C GLN D 25 20.14 27.85 -13.89
N GLY D 26 20.18 28.48 -12.74
CA GLY D 26 19.47 29.74 -12.47
C GLY D 26 18.40 29.62 -11.41
N LEU D 27 18.27 28.47 -10.77
CA LEU D 27 17.27 28.30 -9.71
C LEU D 27 17.61 29.31 -8.64
N PRO D 28 16.66 30.23 -8.35
CA PRO D 28 16.82 31.21 -7.30
C PRO D 28 16.71 30.57 -5.91
N LEU D 29 17.54 31.06 -5.01
CA LEU D 29 17.45 30.77 -3.57
C LEU D 29 17.00 32.10 -2.94
N VAL D 30 16.46 32.04 -1.74
CA VAL D 30 16.06 33.26 -1.01
C VAL D 30 17.24 33.71 -0.12
N SER D 31 18.03 32.76 0.37
CA SER D 31 19.23 33.01 1.20
C SER D 31 20.19 31.82 1.01
N GLY D 32 21.47 32.09 0.73
CA GLY D 32 22.37 31.14 0.05
C GLY D 32 23.33 30.31 0.92
N GLY D 33 24.34 29.75 0.26
CA GLY D 33 25.46 29.04 0.91
C GLY D 33 25.69 27.64 0.38
N GLY D 34 24.74 26.72 0.62
CA GLY D 34 24.86 25.32 0.14
C GLY D 34 23.84 24.35 0.72
N LYS D 35 24.27 23.12 0.92
CA LYS D 35 23.38 21.92 1.00
C LYS D 35 22.80 21.82 2.41
N GLY D 36 21.89 20.87 2.61
CA GLY D 36 21.09 20.73 3.83
C GLY D 36 20.26 21.96 4.22
N ASN D 37 19.95 22.05 5.52
CA ASN D 37 19.35 23.21 6.24
C ASN D 37 20.34 24.39 6.29
N GLU D 38 20.87 24.78 5.14
CA GLU D 38 21.58 26.06 4.98
C GLU D 38 20.84 26.92 3.94
N ALA D 39 21.04 26.63 2.66
CA ALA D 39 20.38 27.38 1.55
C ALA D 39 18.87 27.21 1.73
N VAL D 40 18.17 28.33 1.74
CA VAL D 40 16.70 28.44 1.80
C VAL D 40 16.17 28.89 0.45
N PHE D 41 15.16 28.19 -0.02
CA PHE D 41 14.43 28.45 -1.28
C PHE D 41 12.97 28.78 -0.95
N ASP D 42 12.27 29.51 -1.82
CA ASP D 42 10.77 29.57 -1.70
C ASP D 42 10.22 28.65 -2.81
N THR D 43 9.41 27.71 -2.39
CA THR D 43 8.71 26.69 -3.19
C THR D 43 8.03 27.31 -4.40
N ALA D 44 7.30 28.40 -4.23
CA ALA D 44 6.58 29.06 -5.34
C ALA D 44 7.53 29.60 -6.39
N ALA D 45 8.64 30.19 -6.00
CA ALA D 45 9.66 30.68 -6.93
C ALA D 45 10.32 29.50 -7.61
N ALA D 46 10.65 28.45 -6.87
CA ALA D 46 11.27 27.28 -7.49
C ALA D 46 10.32 26.67 -8.51
N ILE D 47 9.06 26.54 -8.16
CA ILE D 47 8.05 25.92 -9.09
C ILE D 47 7.92 26.79 -10.33
N SER D 48 7.84 28.10 -10.17
CA SER D 48 7.73 29.01 -11.33
C SER D 48 8.94 28.83 -12.26
N TRP D 49 10.12 28.81 -11.69
CA TRP D 49 11.38 28.57 -12.42
C TRP D 49 11.37 27.21 -13.11
N TYR D 50 11.07 26.15 -12.35
CA TYR D 50 10.99 24.80 -12.91
C TYR D 50 10.03 24.81 -14.11
N ALA D 51 8.80 25.30 -13.93
CA ALA D 51 7.74 25.27 -14.95
C ALA D 51 8.14 26.02 -16.22
N GLU D 52 8.97 27.04 -16.08
CA GLU D 52 9.36 27.94 -17.18
C GLU D 52 10.59 27.38 -17.92
N ARG D 53 11.13 26.28 -17.47
CA ARG D 53 12.31 25.67 -18.10
C ARG D 53 11.98 25.09 -19.47
N ASP D 54 11.15 24.06 -19.56
CA ASP D 54 11.03 23.29 -20.82
C ASP D 54 9.74 22.44 -20.86
N ALA D 55 8.71 22.96 -21.52
CA ALA D 55 7.41 22.26 -21.61
C ALA D 55 6.63 22.77 -22.83
N MET E 1 -7.41 -12.82 2.31
CA MET E 1 -7.08 -12.37 0.93
C MET E 1 -6.75 -10.88 0.95
N ASN E 2 -5.93 -10.42 0.00
CA ASN E 2 -5.53 -9.02 -0.10
C ASN E 2 -6.76 -8.21 -0.53
N VAL E 3 -7.15 -7.26 0.28
CA VAL E 3 -8.29 -6.40 -0.15
C VAL E 3 -7.94 -4.96 0.22
N ASN E 4 -8.67 -4.02 -0.37
CA ASN E 4 -8.56 -2.59 -0.01
C ASN E 4 -9.53 -2.32 1.14
N LYS E 5 -9.53 -1.10 1.64
CA LYS E 5 -10.26 -0.74 2.88
C LYS E 5 -11.79 -0.84 2.68
N LYS E 6 -12.31 -0.32 1.58
CA LYS E 6 -13.75 -0.39 1.27
C LYS E 6 -14.18 -1.85 1.18
N LYS E 7 -13.30 -2.72 0.66
CA LYS E 7 -13.61 -4.16 0.48
C LYS E 7 -13.61 -4.80 1.87
N LEU E 8 -12.66 -4.39 2.70
CA LEU E 8 -12.59 -4.89 4.07
C LEU E 8 -13.89 -4.51 4.76
N ALA E 9 -14.26 -3.24 4.67
CA ALA E 9 -15.47 -2.71 5.30
C ALA E 9 -16.66 -3.56 4.86
N GLU E 10 -16.83 -3.75 3.55
CA GLU E 10 -17.96 -4.55 2.99
C GLU E 10 -17.92 -5.99 3.51
N ILE E 11 -16.72 -6.55 3.71
CA ILE E 11 -16.59 -7.96 4.18
C ILE E 11 -17.07 -8.04 5.62
N PHE E 12 -16.56 -7.15 6.45
CA PHE E 12 -16.89 -7.09 7.89
C PHE E 12 -18.32 -6.61 8.11
N GLY E 13 -18.89 -5.91 7.15
CA GLY E 13 -20.18 -5.21 7.25
C GLY E 13 -20.12 -3.98 8.14
N CYS E 14 -19.04 -3.24 8.08
CA CYS E 14 -18.89 -1.95 8.75
C CYS E 14 -18.69 -0.84 7.70
N ASP E 15 -18.95 0.41 8.09
CA ASP E 15 -18.51 1.62 7.36
C ASP E 15 -16.99 1.59 7.20
N VAL E 16 -16.50 2.17 6.11
CA VAL E 16 -15.04 2.27 5.83
C VAL E 16 -14.32 2.91 7.02
N ARG E 17 -14.93 3.93 7.60
CA ARG E 17 -14.29 4.79 8.60
C ARG E 17 -14.06 3.98 9.88
N THR E 18 -14.87 2.98 10.12
CA THR E 18 -14.74 2.05 11.24
C THR E 18 -13.43 1.24 11.10
N VAL E 19 -13.08 0.85 9.88
CA VAL E 19 -11.79 0.18 9.61
C VAL E 19 -10.63 1.13 10.00
N THR E 20 -10.68 2.38 9.57
CA THR E 20 -9.65 3.39 9.89
C THR E 20 -9.62 3.54 11.42
N ALA E 21 -10.76 3.54 12.07
CA ALA E 21 -10.80 3.58 13.55
C ALA E 21 -10.17 2.29 14.11
N TRP E 22 -10.41 1.17 13.46
CA TRP E 22 -9.82 -0.13 13.84
C TRP E 22 -8.31 -0.10 13.65
N GLN E 23 -7.86 0.61 12.66
CA GLN E 23 -6.41 0.84 12.48
C GLN E 23 -5.86 1.56 13.71
N SER E 24 -6.55 2.57 14.20
CA SER E 24 -6.17 3.26 15.46
C SER E 24 -6.03 2.29 16.65
N GLN E 25 -6.74 1.17 16.60
CA GLN E 25 -6.86 0.17 17.70
C GLN E 25 -5.91 -1.03 17.51
N GLY E 26 -5.11 -1.01 16.48
CA GLY E 26 -4.09 -2.05 16.19
C GLY E 26 -4.41 -2.97 15.02
N LEU E 27 -5.46 -2.67 14.26
CA LEU E 27 -5.73 -3.43 13.04
C LEU E 27 -4.55 -3.28 12.10
N PRO E 28 -3.91 -4.43 11.78
CA PRO E 28 -2.79 -4.46 10.85
C PRO E 28 -3.28 -4.23 9.42
N LEU E 29 -2.48 -3.44 8.69
CA LEU E 29 -2.57 -3.34 7.24
C LEU E 29 -1.37 -4.12 6.68
N VAL E 30 -1.45 -4.53 5.45
CA VAL E 30 -0.33 -5.15 4.73
C VAL E 30 0.50 -4.08 3.99
N SER E 31 -0.14 -3.01 3.52
CA SER E 31 0.54 -1.83 2.93
C SER E 31 -0.33 -0.60 3.12
N GLY E 32 0.25 0.51 3.60
CA GLY E 32 -0.52 1.58 4.28
C GLY E 32 -0.94 2.81 3.48
N GLY E 33 -1.32 3.85 4.23
CA GLY E 33 -1.56 5.21 3.72
C GLY E 33 -2.92 5.76 4.12
N GLY E 34 -4.01 5.12 3.68
CA GLY E 34 -5.35 5.66 3.96
C GLY E 34 -6.53 4.98 3.26
N LYS E 35 -7.56 5.75 2.97
CA LYS E 35 -8.91 5.21 2.69
C LYS E 35 -8.97 4.80 1.22
N GLY E 36 -10.12 4.30 0.81
CA GLY E 36 -10.39 3.66 -0.49
C GLY E 36 -9.40 2.57 -0.87
N ASN E 37 -9.23 2.42 -2.18
CA ASN E 37 -8.19 1.59 -2.84
C ASN E 37 -6.80 2.20 -2.62
N GLU E 38 -6.42 2.40 -1.37
CA GLU E 38 -5.01 2.75 -1.04
C GLU E 38 -4.48 1.71 -0.06
N ALA E 39 -4.82 1.86 1.20
CA ALA E 39 -4.43 0.89 2.25
C ALA E 39 -4.97 -0.47 1.87
N VAL E 40 -4.10 -1.46 1.89
CA VAL E 40 -4.43 -2.88 1.62
C VAL E 40 -4.29 -3.65 2.93
N PHE E 41 -5.28 -4.49 3.18
CA PHE E 41 -5.35 -5.36 4.36
C PHE E 41 -5.38 -6.80 3.85
N ASP E 42 -5.00 -7.77 4.67
CA ASP E 42 -5.34 -9.22 4.43
C ASP E 42 -6.49 -9.62 5.35
N THR E 43 -7.58 -10.07 4.74
CA THR E 43 -8.82 -10.53 5.37
C THR E 43 -8.58 -11.47 6.54
N ALA E 44 -7.72 -12.46 6.36
CA ALA E 44 -7.41 -13.44 7.40
C ALA E 44 -6.76 -12.78 8.62
N ALA E 45 -5.84 -11.87 8.43
CA ALA E 45 -5.20 -11.11 9.50
C ALA E 45 -6.21 -10.22 10.19
N ALA E 46 -7.06 -9.56 9.45
CA ALA E 46 -8.09 -8.70 10.03
C ALA E 46 -9.08 -9.53 10.83
N ILE E 47 -9.50 -10.64 10.31
CA ILE E 47 -10.46 -11.53 11.02
C ILE E 47 -9.79 -12.03 12.30
N SER E 48 -8.53 -12.44 12.25
CA SER E 48 -7.85 -12.95 13.48
C SER E 48 -7.84 -11.83 14.52
N TRP E 49 -7.47 -10.64 14.09
CA TRP E 49 -7.41 -9.45 14.96
C TRP E 49 -8.78 -9.14 15.55
N TYR E 50 -9.79 -9.05 14.70
CA TYR E 50 -11.16 -8.77 15.12
C TYR E 50 -11.57 -9.81 16.19
N ALA E 51 -11.44 -11.10 15.89
CA ALA E 51 -11.86 -12.22 16.75
C ALA E 51 -11.13 -12.18 18.09
N GLU E 52 -9.90 -11.68 18.11
CA GLU E 52 -9.06 -11.66 19.34
C GLU E 52 -9.31 -10.39 20.17
N ARG E 53 -10.22 -9.53 19.73
CA ARG E 53 -10.52 -8.29 20.48
C ARG E 53 -11.34 -8.59 21.74
N ASP E 54 -12.56 -9.13 21.57
CA ASP E 54 -13.45 -9.47 22.71
C ASP E 54 -14.38 -10.61 22.29
N ALA E 55 -14.32 -11.74 23.01
CA ALA E 55 -15.18 -12.91 22.71
C ALA E 55 -15.26 -13.82 23.94
N MET F 1 1.41 -19.02 -24.00
CA MET F 1 1.78 -18.56 -25.37
C MET F 1 2.11 -17.06 -25.34
N ASN F 2 2.95 -16.60 -26.26
CA ASN F 2 3.34 -15.19 -26.32
C ASN F 2 2.15 -14.36 -26.79
N VAL F 3 1.71 -13.45 -25.94
CA VAL F 3 0.59 -12.53 -26.29
C VAL F 3 0.91 -11.10 -25.88
N ASN F 4 0.28 -10.17 -26.56
CA ASN F 4 0.37 -8.76 -26.18
C ASN F 4 -0.65 -8.50 -25.06
N LYS F 5 -0.65 -7.30 -24.52
CA LYS F 5 -1.42 -6.97 -23.30
C LYS F 5 -2.92 -7.01 -23.56
N LYS F 6 -3.40 -6.49 -24.67
CA LYS F 6 -4.84 -6.53 -25.00
C LYS F 6 -5.28 -8.00 -25.14
N LYS F 7 -4.43 -8.83 -25.73
CA LYS F 7 -4.72 -10.27 -25.88
C LYS F 7 -4.72 -10.98 -24.52
N LEU F 8 -3.81 -10.60 -23.64
CA LEU F 8 -3.80 -11.11 -22.26
C LEU F 8 -5.11 -10.71 -21.60
N ALA F 9 -5.49 -9.44 -21.71
CA ALA F 9 -6.74 -8.92 -21.14
C ALA F 9 -7.92 -9.77 -21.63
N GLU F 10 -8.10 -9.86 -22.92
CA GLU F 10 -9.13 -10.71 -23.55
C GLU F 10 -9.14 -12.12 -22.95
N ILE F 11 -7.98 -12.76 -22.79
CA ILE F 11 -7.87 -14.18 -22.37
C ILE F 11 -8.38 -14.28 -20.91
N PHE F 12 -7.88 -13.41 -20.06
CA PHE F 12 -8.26 -13.32 -18.62
C PHE F 12 -9.68 -12.82 -18.42
N GLY F 13 -10.24 -12.11 -19.38
CA GLY F 13 -11.55 -11.45 -19.28
C GLY F 13 -11.50 -10.20 -18.42
N CYS F 14 -10.39 -9.52 -18.43
CA CYS F 14 -10.23 -8.21 -17.75
C CYS F 14 -9.97 -7.06 -18.76
N ASP F 15 -10.27 -5.83 -18.36
CA ASP F 15 -9.82 -4.62 -19.10
C ASP F 15 -8.28 -4.66 -19.20
N VAL F 16 -7.74 -4.05 -20.25
CA VAL F 16 -6.28 -3.98 -20.50
C VAL F 16 -5.61 -3.32 -19.28
N ARG F 17 -6.25 -2.31 -18.70
CA ARG F 17 -5.60 -1.50 -17.65
C ARG F 17 -5.44 -2.34 -16.38
N THR F 18 -6.28 -3.35 -16.20
CA THR F 18 -6.18 -4.29 -15.08
C THR F 18 -4.86 -5.09 -15.18
N VAL F 19 -4.43 -5.42 -16.38
CA VAL F 19 -3.15 -6.10 -16.62
C VAL F 19 -2.01 -5.20 -16.20
N THR F 20 -2.07 -3.94 -16.61
CA THR F 20 -1.04 -2.95 -16.21
C THR F 20 -1.02 -2.82 -14.68
N ALA F 21 -2.18 -2.81 -14.06
CA ALA F 21 -2.28 -2.80 -12.58
C ALA F 21 -1.68 -4.10 -12.03
N TRP F 22 -1.92 -5.22 -12.73
CA TRP F 22 -1.35 -6.52 -12.35
C TRP F 22 0.18 -6.49 -12.48
N GLN F 23 0.68 -5.77 -13.46
CA GLN F 23 2.13 -5.57 -13.58
C GLN F 23 2.65 -4.91 -12.28
N SER F 24 1.93 -3.91 -11.78
CA SER F 24 2.29 -3.20 -10.54
C SER F 24 2.36 -4.21 -9.40
N GLN F 25 1.66 -5.33 -9.52
CA GLN F 25 1.49 -6.32 -8.41
C GLN F 25 2.42 -7.51 -8.60
N GLY F 26 3.27 -7.48 -9.60
CA GLY F 26 4.31 -8.50 -9.84
C GLY F 26 4.02 -9.39 -11.02
N LEU F 27 2.98 -9.11 -11.79
CA LEU F 27 2.74 -9.88 -13.02
C LEU F 27 3.96 -9.70 -13.92
N PRO F 28 4.63 -10.83 -14.24
CA PRO F 28 5.76 -10.84 -15.16
C PRO F 28 5.34 -10.59 -16.61
N LEU F 29 6.16 -9.82 -17.30
CA LEU F 29 6.10 -9.66 -18.76
C LEU F 29 7.32 -10.39 -19.29
N VAL F 30 7.29 -10.80 -20.54
CA VAL F 30 8.46 -11.42 -21.20
C VAL F 30 9.33 -10.35 -21.86
N SER F 31 8.69 -9.27 -22.35
CA SER F 31 9.35 -8.08 -22.96
C SER F 31 8.44 -6.86 -22.76
N GLY F 32 9.02 -5.74 -22.32
CA GLY F 32 8.33 -4.69 -21.57
C GLY F 32 7.93 -3.43 -22.34
N GLY F 33 7.58 -2.39 -21.56
CA GLY F 33 7.31 -1.05 -22.07
C GLY F 33 5.94 -0.48 -21.72
N GLY F 34 4.86 -1.07 -22.23
CA GLY F 34 3.50 -0.59 -21.94
C GLY F 34 2.38 -1.24 -22.73
N LYS F 35 1.34 -0.45 -23.05
CA LYS F 35 -0.01 -0.94 -23.39
C LYS F 35 -0.05 -1.34 -24.87
N GLY F 36 -1.16 -1.92 -25.26
CA GLY F 36 -1.40 -2.47 -26.61
C GLY F 36 -0.39 -3.54 -26.99
N ASN F 37 -0.17 -3.66 -28.30
CA ASN F 37 0.87 -4.52 -28.95
C ASN F 37 2.24 -3.92 -28.69
N GLU F 38 2.57 -3.71 -27.42
CA GLU F 38 3.98 -3.42 -27.03
C GLU F 38 4.43 -4.50 -26.05
N ALA F 39 4.04 -4.37 -24.80
CA ALA F 39 4.39 -5.34 -23.74
C ALA F 39 3.87 -6.71 -24.19
N VAL F 40 4.76 -7.71 -24.15
CA VAL F 40 4.44 -9.12 -24.42
C VAL F 40 4.52 -9.91 -23.15
N PHE F 41 3.50 -10.71 -22.92
CA PHE F 41 3.38 -11.61 -21.76
C PHE F 41 3.34 -13.06 -22.28
N ASP F 42 3.71 -14.04 -21.47
CA ASP F 42 3.39 -15.47 -21.80
C ASP F 42 2.21 -15.90 -20.92
N THR F 43 1.13 -16.35 -21.57
CA THR F 43 -0.16 -16.76 -20.97
C THR F 43 0.06 -17.73 -19.81
N ALA F 44 0.92 -18.72 -19.97
CA ALA F 44 1.16 -19.73 -18.92
C ALA F 44 1.78 -19.09 -17.67
N ALA F 45 2.73 -18.20 -17.84
CA ALA F 45 3.32 -17.46 -16.72
C ALA F 45 2.29 -16.57 -16.05
N ALA F 46 1.47 -15.87 -16.81
CA ALA F 46 0.43 -15.02 -16.24
C ALA F 46 -0.58 -15.86 -15.50
N ILE F 47 -0.97 -16.99 -16.04
CA ILE F 47 -1.97 -17.87 -15.36
C ILE F 47 -1.34 -18.37 -14.06
N SER F 48 -0.11 -18.83 -14.09
CA SER F 48 0.54 -19.35 -12.87
C SER F 48 0.54 -18.26 -11.81
N TRP F 49 0.98 -17.06 -12.17
CA TRP F 49 1.00 -15.89 -11.27
C TRP F 49 -0.39 -15.61 -10.74
N TYR F 50 -1.36 -15.48 -11.64
CA TYR F 50 -2.78 -15.23 -11.28
C TYR F 50 -3.21 -16.25 -10.22
N ALA F 51 -3.02 -17.53 -10.52
CA ALA F 51 -3.52 -18.64 -9.70
C ALA F 51 -2.87 -18.63 -8.34
N GLU F 52 -1.64 -18.13 -8.25
CA GLU F 52 -0.86 -18.12 -6.99
C GLU F 52 -1.19 -16.89 -6.12
N ARG F 53 -1.99 -15.97 -6.60
CA ARG F 53 -2.32 -14.75 -5.82
C ARG F 53 -3.17 -15.08 -4.59
N ASP F 54 -4.41 -15.52 -4.79
CA ASP F 54 -5.38 -15.63 -3.67
C ASP F 54 -6.53 -16.62 -3.93
N ALA F 55 -6.42 -17.84 -3.40
CA ALA F 55 -7.46 -18.87 -3.56
C ALA F 55 -7.40 -19.92 -2.44
N MET G 1 -26.72 3.95 -20.91
CA MET G 1 -27.07 3.93 -22.36
C MET G 1 -27.41 2.49 -22.77
N ASN G 2 -28.22 2.33 -23.83
CA ASN G 2 -28.62 1.01 -24.32
C ASN G 2 -27.40 0.38 -24.97
N VAL G 3 -26.98 -0.77 -24.46
CA VAL G 3 -25.84 -1.52 -25.03
C VAL G 3 -26.13 -3.02 -25.08
N ASN G 4 -25.48 -3.69 -26.01
CA ASN G 4 -25.58 -5.15 -26.07
C ASN G 4 -24.62 -5.75 -25.05
N LYS G 5 -24.61 -7.05 -24.94
CA LYS G 5 -23.90 -7.75 -23.85
C LYS G 5 -22.38 -7.62 -24.02
N LYS G 6 -21.88 -7.73 -25.26
CA LYS G 6 -20.42 -7.63 -25.53
C LYS G 6 -19.94 -6.20 -25.25
N LYS G 7 -20.84 -5.23 -25.38
CA LYS G 7 -20.49 -3.81 -25.14
C LYS G 7 -20.57 -3.57 -23.62
N LEU G 8 -21.50 -4.22 -22.96
CA LEU G 8 -21.59 -4.14 -21.49
C LEU G 8 -20.29 -4.71 -20.92
N ALA G 9 -19.92 -5.89 -21.37
CA ALA G 9 -18.71 -6.58 -20.94
C ALA G 9 -17.52 -5.63 -21.09
N GLU G 10 -17.32 -5.11 -22.29
CA GLU G 10 -16.25 -4.15 -22.59
C GLU G 10 -16.27 -3.00 -21.59
N ILE G 11 -17.44 -2.45 -21.33
CA ILE G 11 -17.57 -1.24 -20.49
C ILE G 11 -17.10 -1.59 -19.08
N PHE G 12 -17.61 -2.67 -18.55
CA PHE G 12 -17.28 -3.14 -17.18
C PHE G 12 -15.86 -3.68 -17.10
N GLY G 13 -15.28 -4.06 -18.23
CA GLY G 13 -13.99 -4.76 -18.35
C GLY G 13 -14.04 -6.19 -17.85
N CYS G 14 -15.13 -6.89 -18.12
CA CYS G 14 -15.28 -8.32 -17.86
C CYS G 14 -15.50 -9.09 -19.17
N ASP G 15 -15.24 -10.40 -19.13
CA ASP G 15 -15.66 -11.33 -20.19
C ASP G 15 -17.18 -11.26 -20.36
N VAL G 16 -17.66 -11.49 -21.57
CA VAL G 16 -19.12 -11.49 -21.89
C VAL G 16 -19.85 -12.46 -20.94
N ARG G 17 -19.24 -13.60 -20.66
CA ARG G 17 -19.89 -14.71 -19.95
C ARG G 17 -20.13 -14.31 -18.51
N THR G 18 -19.32 -13.43 -17.99
CA THR G 18 -19.46 -12.87 -16.65
C THR G 18 -20.76 -12.06 -16.54
N VAL G 19 -21.11 -11.32 -17.58
CA VAL G 19 -22.41 -10.61 -17.65
C VAL G 19 -23.57 -11.63 -17.57
N THR G 20 -23.53 -12.68 -18.37
CA THR G 20 -24.54 -13.75 -18.35
C THR G 20 -24.58 -14.32 -16.92
N ALA G 21 -23.44 -14.51 -16.28
CA ALA G 21 -23.40 -14.98 -14.89
C ALA G 21 -24.04 -13.91 -13.98
N TRP G 22 -23.80 -12.65 -14.29
CA TRP G 22 -24.40 -11.52 -13.55
C TRP G 22 -25.91 -11.50 -13.74
N GLN G 23 -26.35 -11.89 -14.90
CA GLN G 23 -27.80 -12.06 -15.14
C GLN G 23 -28.35 -13.10 -14.16
N SER G 24 -27.66 -14.20 -13.97
CA SER G 24 -28.04 -15.25 -12.98
C SER G 24 -28.19 -14.65 -11.56
N GLN G 25 -27.48 -13.57 -11.28
CA GLN G 25 -27.37 -12.93 -9.94
C GLN G 25 -28.32 -11.73 -9.78
N GLY G 26 -29.11 -11.44 -10.79
CA GLY G 26 -30.13 -10.37 -10.77
C GLY G 26 -29.80 -9.15 -11.61
N LEU G 27 -28.75 -9.20 -12.41
CA LEU G 27 -28.48 -8.12 -13.36
C LEU G 27 -29.66 -8.00 -14.29
N PRO G 28 -30.30 -6.81 -14.28
CA PRO G 28 -31.41 -6.52 -15.18
C PRO G 28 -30.91 -6.33 -16.62
N LEU G 29 -31.71 -6.86 -17.54
CA LEU G 29 -31.61 -6.52 -18.96
C LEU G 29 -32.80 -5.62 -19.28
N VAL G 30 -32.71 -4.87 -20.35
CA VAL G 30 -33.83 -4.07 -20.86
C VAL G 30 -34.66 -4.88 -21.87
N SER G 31 -34.03 -5.77 -22.64
CA SER G 31 -34.70 -6.72 -23.54
C SER G 31 -33.84 -7.96 -23.71
N GLY G 32 -34.41 -9.16 -23.56
CA GLY G 32 -33.65 -10.39 -23.20
C GLY G 32 -33.22 -11.32 -24.34
N GLY G 33 -32.83 -12.52 -23.94
CA GLY G 33 -32.60 -13.68 -24.82
C GLY G 33 -31.24 -14.33 -24.58
N GLY G 34 -30.15 -13.60 -24.88
CA GLY G 34 -28.80 -14.18 -24.74
C GLY G 34 -27.63 -13.33 -25.20
N LYS G 35 -26.58 -13.99 -25.65
CA LYS G 35 -25.23 -13.40 -25.75
C LYS G 35 -25.17 -12.59 -27.04
N GLY G 36 -24.02 -11.97 -27.27
CA GLY G 36 -23.75 -11.00 -28.34
C GLY G 36 -24.74 -9.84 -28.39
N ASN G 37 -24.90 -9.32 -29.61
CA ASN G 37 -25.94 -8.33 -30.00
C ASN G 37 -27.32 -8.98 -29.99
N GLU G 38 -27.73 -9.52 -28.85
CA GLU G 38 -29.13 -9.96 -28.64
C GLU G 38 -29.67 -9.25 -27.40
N ALA G 39 -29.31 -9.76 -26.23
CA ALA G 39 -29.71 -9.13 -24.96
C ALA G 39 -29.16 -7.72 -24.91
N VAL G 40 -30.04 -6.79 -24.59
CA VAL G 40 -29.74 -5.34 -24.45
C VAL G 40 -29.87 -4.99 -22.99
N PHE G 41 -28.87 -4.26 -22.50
CA PHE G 41 -28.80 -3.76 -21.11
C PHE G 41 -28.78 -2.24 -21.16
N ASP G 42 -29.18 -1.55 -20.10
CA ASP G 42 -28.83 -0.11 -19.91
C ASP G 42 -27.68 0.02 -18.92
N THR G 43 -26.59 0.62 -19.37
CA THR G 43 -25.35 0.89 -18.62
C THR G 43 -25.60 1.45 -17.24
N ALA G 44 -26.46 2.44 -17.13
CA ALA G 44 -26.76 3.07 -15.85
C ALA G 44 -27.43 2.09 -14.87
N ALA G 45 -28.36 1.29 -15.33
CA ALA G 45 -28.99 0.26 -14.51
C ALA G 45 -27.98 -0.80 -14.12
N ALA G 46 -27.12 -1.23 -15.04
CA ALA G 46 -26.10 -2.23 -14.72
C ALA G 46 -25.12 -1.66 -13.71
N ILE G 47 -24.70 -0.44 -13.88
CA ILE G 47 -23.75 0.19 -12.95
C ILE G 47 -24.42 0.31 -11.58
N SER G 48 -25.67 0.72 -11.51
CA SER G 48 -26.36 0.85 -10.18
C SER G 48 -26.37 -0.52 -9.50
N TRP G 49 -26.75 -1.54 -10.24
CA TRP G 49 -26.82 -2.95 -9.77
C TRP G 49 -25.44 -3.41 -9.29
N TYR G 50 -24.43 -3.26 -10.13
CA TYR G 50 -23.06 -3.62 -9.81
C TYR G 50 -22.64 -2.94 -8.48
N ALA G 51 -22.79 -1.62 -8.40
CA ALA G 51 -22.36 -0.80 -7.24
C ALA G 51 -23.09 -1.22 -5.96
N GLU G 52 -24.31 -1.72 -6.07
CA GLU G 52 -25.15 -2.09 -4.90
C GLU G 52 -24.87 -3.53 -4.45
N ARG G 53 -24.02 -4.24 -5.16
CA ARG G 53 -23.72 -5.65 -4.80
C ARG G 53 -22.90 -5.73 -3.51
N ASP G 54 -21.68 -5.22 -3.49
CA ASP G 54 -20.77 -5.50 -2.36
C ASP G 54 -19.62 -4.47 -2.30
N ALA G 55 -19.80 -3.44 -1.45
CA ALA G 55 -18.84 -2.33 -1.24
C ALA G 55 -19.07 -1.65 0.12
N MET H 1 -20.68 -9.49 3.01
CA MET H 1 -21.06 -9.52 1.58
C MET H 1 -21.39 -10.97 1.17
N ASN H 2 -22.24 -11.13 0.16
CA ASN H 2 -22.63 -12.46 -0.33
C ASN H 2 -21.44 -13.11 -1.01
N VAL H 3 -20.99 -14.23 -0.45
CA VAL H 3 -19.87 -15.02 -1.05
C VAL H 3 -20.18 -16.51 -1.06
N ASN H 4 -19.56 -17.21 -1.97
CA ASN H 4 -19.63 -18.66 -2.01
C ASN H 4 -18.63 -19.25 -1.02
N LYS H 5 -18.62 -20.55 -0.86
CA LYS H 5 -17.86 -21.22 0.21
C LYS H 5 -16.34 -21.10 -0.03
N LYS H 6 -15.88 -21.26 -1.26
CA LYS H 6 -14.43 -21.13 -1.55
C LYS H 6 -13.99 -19.69 -1.26
N LYS H 7 -14.86 -18.73 -1.56
CA LYS H 7 -14.55 -17.31 -1.29
C LYS H 7 -14.56 -17.02 0.21
N LEU H 8 -15.47 -17.64 0.93
CA LEU H 8 -15.49 -17.55 2.41
C LEU H 8 -14.19 -18.11 2.95
N ALA H 9 -13.81 -19.30 2.47
CA ALA H 9 -12.56 -19.96 2.86
C ALA H 9 -11.38 -19.01 2.65
N GLU H 10 -11.20 -18.55 1.43
CA GLU H 10 -10.15 -17.56 1.10
C GLU H 10 -10.15 -16.39 2.08
N ILE H 11 -11.31 -15.81 2.38
CA ILE H 11 -11.43 -14.58 3.21
C ILE H 11 -10.92 -14.91 4.61
N PHE H 12 -11.42 -15.99 5.18
CA PHE H 12 -11.05 -16.47 6.54
C PHE H 12 -9.62 -17.01 6.60
N GLY H 13 -9.07 -17.41 5.48
CA GLY H 13 -7.75 -18.08 5.39
C GLY H 13 -7.79 -19.54 5.82
N CYS H 14 -8.91 -20.18 5.62
CA CYS H 14 -9.07 -21.62 5.89
C CYS H 14 -9.33 -22.43 4.61
N ASP H 15 -9.03 -23.72 4.64
CA ASP H 15 -9.49 -24.67 3.59
C ASP H 15 -11.02 -24.61 3.49
N VAL H 16 -11.56 -24.88 2.30
CA VAL H 16 -13.02 -24.90 2.04
C VAL H 16 -13.69 -25.86 3.01
N ARG H 17 -13.06 -27.00 3.28
CA ARG H 17 -13.71 -28.08 4.05
C ARG H 17 -13.87 -27.65 5.50
N THR H 18 -13.04 -26.74 5.96
CA THR H 18 -13.14 -26.15 7.31
C THR H 18 -14.46 -25.37 7.45
N VAL H 19 -14.89 -24.70 6.38
CA VAL H 19 -16.16 -23.97 6.35
C VAL H 19 -17.32 -24.97 6.48
N THR H 20 -17.26 -26.04 5.73
CA THR H 20 -18.28 -27.11 5.82
C THR H 20 -18.30 -27.68 7.26
N ALA H 21 -17.14 -27.87 7.86
CA ALA H 21 -17.05 -28.31 9.27
C ALA H 21 -17.64 -27.21 10.17
N TRP H 22 -17.43 -25.95 9.81
CA TRP H 22 -17.99 -24.80 10.56
C TRP H 22 -19.51 -24.80 10.42
N GLN H 23 -20.01 -25.22 9.28
CA GLN H 23 -21.47 -25.36 9.09
C GLN H 23 -21.98 -26.37 10.12
N SER H 24 -21.25 -27.46 10.31
CA SER H 24 -21.62 -28.51 11.30
C SER H 24 -21.70 -27.88 12.70
N GLN H 25 -21.01 -26.77 12.91
CA GLN H 25 -20.83 -26.14 14.24
C GLN H 25 -21.77 -24.95 14.42
N GLY H 26 -22.61 -24.68 13.44
CA GLY H 26 -23.65 -23.65 13.52
C GLY H 26 -23.37 -22.45 12.63
N LEU H 27 -22.33 -22.50 11.83
CA LEU H 27 -22.08 -21.40 10.87
C LEU H 27 -23.30 -21.29 9.97
N PRO H 28 -23.96 -20.12 9.97
CA PRO H 28 -25.08 -19.86 9.08
C PRO H 28 -24.64 -19.67 7.63
N LEU H 29 -25.46 -20.21 6.74
CA LEU H 29 -25.41 -19.93 5.30
C LEU H 29 -26.64 -19.08 5.00
N VAL H 30 -26.59 -18.32 3.93
CA VAL H 30 -27.76 -17.53 3.47
C VAL H 30 -28.63 -18.38 2.52
N SER H 31 -27.99 -19.27 1.75
CA SER H 31 -28.64 -20.22 0.81
C SER H 31 -27.74 -21.45 0.65
N GLY H 32 -28.32 -22.66 0.74
CA GLY H 32 -27.61 -23.88 1.16
C GLY H 32 -27.22 -24.86 0.06
N GLY H 33 -26.88 -26.07 0.50
CA GLY H 33 -26.61 -27.23 -0.39
C GLY H 33 -25.23 -27.86 -0.21
N GLY H 34 -24.15 -27.14 -0.54
CA GLY H 34 -22.79 -27.68 -0.37
C GLY H 34 -21.66 -26.84 -0.97
N LYS H 35 -20.64 -27.51 -1.48
CA LYS H 35 -19.27 -26.94 -1.63
C LYS H 35 -19.22 -26.14 -2.93
N GLY H 36 -18.10 -25.46 -3.14
CA GLY H 36 -17.86 -24.54 -4.25
C GLY H 36 -18.88 -23.41 -4.32
N ASN H 37 -19.10 -22.93 -5.55
CA ASN H 37 -20.14 -21.91 -5.92
C ASN H 37 -21.51 -22.57 -5.85
N GLU H 38 -21.86 -23.10 -4.69
CA GLU H 38 -23.26 -23.50 -4.41
C GLU H 38 -23.71 -22.76 -3.16
N ALA H 39 -23.34 -23.25 -1.99
CA ALA H 39 -23.68 -22.63 -0.70
C ALA H 39 -23.16 -21.20 -0.73
N VAL H 40 -24.05 -20.26 -0.42
CA VAL H 40 -23.73 -18.81 -0.27
C VAL H 40 -23.80 -18.44 1.19
N PHE H 41 -22.79 -17.73 1.64
CA PHE H 41 -22.68 -17.21 3.01
C PHE H 41 -22.63 -15.68 2.95
N ASP H 42 -23.00 -14.97 4.02
CA ASP H 42 -22.68 -13.51 4.11
C ASP H 42 -21.51 -13.36 5.08
N THR H 43 -20.44 -12.74 4.59
CA THR H 43 -19.16 -12.51 5.28
C THR H 43 -19.37 -11.91 6.65
N ALA H 44 -20.22 -10.90 6.78
CA ALA H 44 -20.47 -10.26 8.08
C ALA H 44 -21.09 -11.24 9.08
N ALA H 45 -22.05 -12.04 8.67
CA ALA H 45 -22.64 -13.07 9.53
C ALA H 45 -21.62 -14.12 9.91
N ALA H 46 -20.79 -14.56 8.98
CA ALA H 46 -19.76 -15.55 9.27
C ALA H 46 -18.75 -14.95 10.24
N ILE H 47 -18.35 -13.72 10.04
CA ILE H 47 -17.37 -13.07 10.96
C ILE H 47 -18.00 -12.97 12.35
N SER H 48 -19.24 -12.52 12.44
CA SER H 48 -19.89 -12.36 13.76
C SER H 48 -19.88 -13.72 14.48
N TRP H 49 -20.31 -14.76 13.79
CA TRP H 49 -20.34 -16.15 14.30
C TRP H 49 -18.95 -16.57 14.73
N TYR H 50 -17.98 -16.43 13.84
CA TYR H 50 -16.56 -16.78 14.11
C TYR H 50 -16.12 -16.10 15.42
N ALA H 51 -16.32 -14.79 15.48
CA ALA H 51 -15.82 -13.97 16.59
C ALA H 51 -16.47 -14.38 17.91
N GLU H 52 -17.69 -14.88 17.84
CA GLU H 52 -18.49 -15.25 19.05
C GLU H 52 -18.18 -16.68 19.52
N ARG H 53 -17.38 -17.43 18.78
CA ARG H 53 -17.05 -18.81 19.17
C ARG H 53 -16.19 -18.84 20.45
N ASP H 54 -14.95 -18.39 20.40
CA ASP H 54 -13.98 -18.61 21.52
C ASP H 54 -12.84 -17.58 21.56
N ALA H 55 -12.95 -16.58 22.44
CA ALA H 55 -11.91 -15.54 22.59
C ALA H 55 -11.98 -14.87 23.97
#